data_8R4W
#
_entry.id   8R4W
#
_entity_poly.entity_id   1
_entity_poly.type   'polydeoxyribonucleotide'
_entity_poly.pdbx_seq_one_letter_code
;(DT)(DG)(DA)(DG)(DG)(DG)(DT)(DC)(DA)(DG)(DG)(DG)(DT)(DT)(DG)(DG)(DG)(DT)(DT)(DG)
(DG)(DG)(DT)(DA)(DA)
;
_entity_poly.pdbx_strand_id   A
#